data_3AOX
#
_entry.id   3AOX
#
_cell.length_a   52.063
_cell.length_b   58.100
_cell.length_c   105.739
_cell.angle_alpha   90.000
_cell.angle_beta   90.000
_cell.angle_gamma   90.000
#
_symmetry.space_group_name_H-M   'P 21 21 21'
#
loop_
_entity.id
_entity.type
_entity.pdbx_description
1 polymer 'ALK tyrosine kinase receptor'
2 non-polymer 9-ethyl-6,6-dimethyl-8-[4-(morpholin-4-yl)piperidin-1-yl]-11-oxo-6,11-dihydro-5H-benzo[b]carbazole-3-carbonitrile
3 non-polymer 1,2-ETHANEDIOL
4 water water
#
_entity_poly.entity_id   1
_entity_poly.type   'polypeptide(L)'
_entity_poly.pdbx_seq_one_letter_code
;GMQMELQSPEYKLSKLRTSTIMTDYNPNYCFAGKTSSISDLKEVPRKNITLIRGLGHGAFGEVYEGQVSGMPNDPSPLQV
AVKTLPEVCSEQDELDFLMEALIISKFNHQNIVRCIGVSLQSLPRFILLELMAGGDLKSFLRETRPRPSQPSSLAMLDLL
HVARDIACGCQYLEENHFIHRDIAARNCLLTCPGPGRVAKIGDFGMARDIYRASYYRKGGCAMLPVKWMPPEAFMEGIFT
SKTDTWSFGVLLWEIFSLGYMPYPSKSNQEVLEFVTSGGRMDPPKNCPGPVYRIMTQCWQHQPEDRPNFAIILERIEYCT
QDPDVINTALPIEYGPLVEEEEKV
;
_entity_poly.pdbx_strand_id   A
#
# COMPACT_ATOMS: atom_id res chain seq x y z
N SER A 19 17.76 -22.82 -0.81
CA SER A 19 18.73 -21.84 -1.38
C SER A 19 19.97 -21.75 -0.52
N THR A 20 21.15 -21.89 -1.14
CA THR A 20 22.42 -21.80 -0.41
C THR A 20 22.68 -20.35 0.06
N ILE A 21 22.34 -19.36 -0.76
CA ILE A 21 22.43 -17.96 -0.34
C ILE A 21 21.53 -17.73 0.88
N MET A 22 20.27 -18.14 0.79
CA MET A 22 19.33 -17.99 1.90
C MET A 22 19.76 -18.78 3.14
N THR A 23 20.32 -19.99 2.90
CA THR A 23 20.76 -20.90 3.98
C THR A 23 22.05 -20.42 4.64
N ASP A 24 23.03 -20.01 3.83
CA ASP A 24 24.32 -19.53 4.34
C ASP A 24 24.20 -18.21 5.10
N TYR A 25 23.34 -17.30 4.61
CA TYR A 25 23.08 -16.02 5.29
C TYR A 25 22.05 -16.18 6.42
N ASN A 26 20.97 -16.91 6.15
CA ASN A 26 19.97 -17.24 7.17
C ASN A 26 19.65 -16.03 8.04
N PRO A 27 19.20 -14.93 7.40
CA PRO A 27 18.89 -13.71 8.09
C PRO A 27 17.72 -13.90 9.05
N ASN A 28 17.77 -13.18 10.17
CA ASN A 28 16.63 -13.10 11.07
C ASN A 28 15.81 -11.85 10.74
N TYR A 29 14.52 -11.91 11.03
CA TYR A 29 13.63 -10.76 10.83
C TYR A 29 12.88 -10.54 12.13
N CYS A 30 12.89 -9.29 12.60
N CYS A 30 12.84 -9.29 12.58
CA CYS A 30 12.22 -8.92 13.84
CA CYS A 30 12.21 -8.96 13.85
C CYS A 30 11.01 -8.04 13.54
C CYS A 30 11.06 -7.97 13.69
N PHE A 31 9.89 -8.35 14.18
CA PHE A 31 8.65 -7.57 14.06
C PHE A 31 7.89 -7.74 15.37
N ALA A 32 7.51 -6.65 15.99
CA ALA A 32 6.69 -6.71 17.19
C ALA A 32 7.39 -7.51 18.31
N GLY A 33 8.70 -7.32 18.46
CA GLY A 33 9.47 -8.03 19.50
C GLY A 33 9.75 -9.52 19.29
N LYS A 34 9.37 -10.07 18.14
CA LYS A 34 9.58 -11.51 17.88
C LYS A 34 10.48 -11.71 16.68
N THR A 35 11.34 -12.72 16.76
CA THR A 35 12.31 -12.98 15.74
C THR A 35 11.90 -14.22 14.96
N SER A 36 11.94 -14.10 13.64
CA SER A 36 11.69 -15.23 12.77
C SER A 36 12.78 -15.39 11.71
N SER A 37 12.81 -16.55 11.08
CA SER A 37 13.81 -16.84 10.07
C SER A 37 13.20 -17.78 9.05
N ILE A 38 13.98 -18.15 8.04
CA ILE A 38 13.44 -18.97 6.94
C ILE A 38 12.73 -20.26 7.42
N SER A 39 13.25 -20.90 8.46
CA SER A 39 12.65 -22.12 9.02
C SER A 39 11.22 -21.92 9.54
N ASP A 40 10.84 -20.68 9.85
CA ASP A 40 9.49 -20.36 10.30
C ASP A 40 8.45 -20.19 9.19
N LEU A 41 8.90 -20.07 7.93
CA LEU A 41 7.98 -19.90 6.80
C LEU A 41 7.25 -21.19 6.52
N LYS A 42 5.99 -21.08 6.10
CA LYS A 42 5.16 -22.27 5.85
C LYS A 42 5.43 -22.74 4.42
N GLU A 43 6.20 -23.80 4.28
CA GLU A 43 6.60 -24.30 2.96
C GLU A 43 5.48 -25.18 2.39
N VAL A 44 4.90 -24.77 1.28
CA VAL A 44 3.83 -25.50 0.64
C VAL A 44 4.48 -26.42 -0.40
N PRO A 45 4.18 -27.74 -0.38
CA PRO A 45 4.82 -28.63 -1.37
C PRO A 45 4.52 -28.16 -2.80
N ARG A 46 5.53 -28.20 -3.66
CA ARG A 46 5.39 -27.63 -5.01
C ARG A 46 4.33 -28.38 -5.82
N LYS A 47 4.21 -29.70 -5.59
CA LYS A 47 3.18 -30.50 -6.25
C LYS A 47 1.75 -30.03 -5.95
N ASN A 48 1.57 -29.27 -4.87
CA ASN A 48 0.25 -28.73 -4.53
C ASN A 48 -0.11 -27.39 -5.21
N ILE A 49 0.83 -26.82 -5.96
CA ILE A 49 0.66 -25.49 -6.53
C ILE A 49 0.58 -25.56 -8.05
N THR A 50 -0.44 -24.91 -8.57
CA THR A 50 -0.67 -24.82 -10.00
C THR A 50 -0.87 -23.34 -10.34
N LEU A 51 -0.15 -22.88 -11.36
CA LEU A 51 -0.34 -21.55 -11.95
C LEU A 51 -1.43 -21.56 -13.03
N ILE A 52 -2.30 -20.55 -13.00
CA ILE A 52 -3.45 -20.47 -13.88
C ILE A 52 -3.25 -19.45 -15.00
N ARG A 53 -2.80 -18.25 -14.63
N ARG A 53 -2.80 -18.24 -14.64
CA ARG A 53 -2.57 -17.17 -15.58
CA ARG A 53 -2.47 -17.23 -15.63
C ARG A 53 -1.61 -16.14 -15.00
C ARG A 53 -1.63 -16.13 -15.02
N GLY A 54 -0.96 -15.38 -15.89
CA GLY A 54 -0.20 -14.21 -15.49
C GLY A 54 -1.16 -13.06 -15.23
N LEU A 55 -0.83 -12.23 -14.26
CA LEU A 55 -1.67 -11.09 -13.89
C LEU A 55 -0.95 -9.75 -14.11
N GLY A 56 0.21 -9.60 -13.45
CA GLY A 56 0.99 -8.34 -13.48
C GLY A 56 2.47 -8.56 -13.72
N GLY A 61 8.66 -7.56 -11.69
CA GLY A 61 8.47 -8.94 -11.35
C GLY A 61 7.15 -9.53 -11.86
N GLU A 62 7.02 -10.85 -11.77
CA GLU A 62 5.82 -11.52 -12.26
C GLU A 62 4.88 -11.93 -11.13
N VAL A 63 3.60 -11.58 -11.27
CA VAL A 63 2.54 -12.07 -10.38
C VAL A 63 1.58 -12.92 -11.22
N TYR A 64 1.28 -14.11 -10.70
CA TYR A 64 0.38 -15.06 -11.32
C TYR A 64 -0.79 -15.35 -10.42
N GLU A 65 -1.91 -15.76 -11.03
CA GLU A 65 -3.00 -16.36 -10.30
C GLU A 65 -2.67 -17.83 -10.26
N GLY A 66 -2.85 -18.43 -9.10
CA GLY A 66 -2.60 -19.82 -8.91
C GLY A 66 -3.60 -20.45 -7.98
N GLN A 67 -3.43 -21.75 -7.75
CA GLN A 67 -4.24 -22.43 -6.74
C GLN A 67 -3.42 -23.45 -5.97
N VAL A 68 -3.78 -23.61 -4.70
CA VAL A 68 -3.11 -24.51 -3.77
C VAL A 68 -4.15 -25.57 -3.39
N SER A 69 -3.83 -26.84 -3.61
CA SER A 69 -4.75 -27.93 -3.28
C SER A 69 -4.60 -28.35 -1.81
N PRO A 77 -9.97 -25.97 -3.85
CA PRO A 77 -8.60 -25.47 -3.66
C PRO A 77 -8.57 -23.99 -3.30
N LEU A 78 -7.44 -23.54 -2.78
CA LEU A 78 -7.28 -22.18 -2.36
C LEU A 78 -6.80 -21.37 -3.57
N GLN A 79 -7.51 -20.30 -3.91
CA GLN A 79 -7.08 -19.35 -4.95
C GLN A 79 -6.02 -18.42 -4.36
N VAL A 80 -4.90 -18.26 -5.06
CA VAL A 80 -3.85 -17.39 -4.55
C VAL A 80 -3.23 -16.54 -5.64
N ALA A 81 -2.57 -15.48 -5.21
CA ALA A 81 -1.61 -14.76 -6.03
C ALA A 81 -0.20 -15.33 -5.76
N VAL A 82 0.59 -15.46 -6.82
CA VAL A 82 1.92 -16.05 -6.71
C VAL A 82 2.95 -15.07 -7.23
N LYS A 83 3.85 -14.65 -6.35
CA LYS A 83 5.03 -13.90 -6.76
C LYS A 83 6.16 -14.87 -6.97
N THR A 84 6.93 -14.63 -8.01
CA THR A 84 8.00 -15.52 -8.42
C THR A 84 9.33 -14.80 -8.38
N LEU A 85 10.39 -15.56 -8.12
CA LEU A 85 11.74 -15.06 -8.18
C LEU A 85 12.38 -15.62 -9.44
N PRO A 86 12.87 -14.73 -10.32
CA PRO A 86 13.53 -15.25 -11.51
C PRO A 86 14.68 -16.18 -11.17
N GLU A 87 14.82 -17.28 -11.89
CA GLU A 87 15.94 -18.17 -11.68
C GLU A 87 17.28 -17.50 -11.98
N VAL A 88 17.31 -16.61 -12.96
CA VAL A 88 18.50 -15.81 -13.23
C VAL A 88 18.34 -14.54 -12.39
N CYS A 89 19.00 -14.52 -11.25
CA CYS A 89 18.92 -13.40 -10.33
C CYS A 89 20.22 -13.31 -9.55
N SER A 90 20.42 -12.17 -8.90
CA SER A 90 21.60 -11.98 -8.07
C SER A 90 21.37 -12.58 -6.69
N GLU A 91 22.46 -12.70 -5.91
CA GLU A 91 22.37 -13.13 -4.51
C GLU A 91 21.53 -12.15 -3.67
N GLN A 92 21.64 -10.86 -3.97
N GLN A 92 21.64 -10.85 -3.95
CA GLN A 92 20.87 -9.81 -3.30
CA GLN A 92 20.85 -9.81 -3.28
C GLN A 92 19.39 -9.97 -3.56
C GLN A 92 19.37 -9.99 -3.55
N ASP A 93 19.04 -10.36 -4.79
CA ASP A 93 17.66 -10.59 -5.19
C ASP A 93 17.10 -11.76 -4.39
N GLU A 94 17.90 -12.80 -4.20
CA GLU A 94 17.49 -13.95 -3.38
C GLU A 94 17.19 -13.55 -1.93
N LEU A 95 18.10 -12.80 -1.33
CA LEU A 95 17.93 -12.31 0.04
C LEU A 95 16.71 -11.38 0.13
N ASP A 96 16.53 -10.51 -0.86
CA ASP A 96 15.37 -9.61 -0.92
C ASP A 96 14.07 -10.40 -0.88
N PHE A 97 14.02 -11.47 -1.68
CA PHE A 97 12.86 -12.28 -1.82
C PHE A 97 12.52 -12.97 -0.48
N LEU A 98 13.54 -13.55 0.17
CA LEU A 98 13.35 -14.10 1.51
C LEU A 98 12.82 -13.05 2.51
N MET A 99 13.42 -11.86 2.53
CA MET A 99 13.01 -10.83 3.48
C MET A 99 11.57 -10.42 3.21
N GLU A 100 11.17 -10.34 1.94
CA GLU A 100 9.77 -10.05 1.59
C GLU A 100 8.83 -11.10 2.19
N ALA A 101 9.19 -12.37 2.03
CA ALA A 101 8.43 -13.48 2.62
C ALA A 101 8.30 -13.36 4.14
N LEU A 102 9.43 -13.08 4.79
CA LEU A 102 9.43 -12.96 6.27
C LEU A 102 8.54 -11.81 6.73
N ILE A 103 8.68 -10.65 6.07
CA ILE A 103 7.91 -9.44 6.41
C ILE A 103 6.39 -9.71 6.29
N ILE A 104 5.97 -10.24 5.16
CA ILE A 104 4.51 -10.43 4.93
C ILE A 104 3.93 -11.53 5.82
N SER A 105 4.70 -12.59 6.06
CA SER A 105 4.23 -13.70 6.86
C SER A 105 3.95 -13.34 8.33
N LYS A 106 4.63 -12.32 8.84
CA LYS A 106 4.53 -11.96 10.25
C LYS A 106 3.42 -10.95 10.55
N PHE A 107 2.91 -10.24 9.53
CA PHE A 107 1.76 -9.37 9.73
C PHE A 107 0.49 -10.20 9.96
N ASN A 108 -0.38 -9.68 10.82
CA ASN A 108 -1.65 -10.30 11.16
C ASN A 108 -2.77 -9.26 11.28
N HIS A 109 -3.35 -8.86 10.15
CA HIS A 109 -4.38 -7.84 10.14
C HIS A 109 -5.20 -7.96 8.87
N GLN A 110 -6.49 -7.69 9.01
CA GLN A 110 -7.45 -7.85 7.91
C GLN A 110 -7.20 -6.90 6.72
N ASN A 111 -6.50 -5.79 6.94
CA ASN A 111 -6.23 -4.82 5.86
C ASN A 111 -4.77 -4.83 5.36
N ILE A 112 -4.12 -5.95 5.62
CA ILE A 112 -2.82 -6.29 5.03
C ILE A 112 -2.95 -7.65 4.36
N VAL A 113 -2.56 -7.75 3.10
N VAL A 113 -2.55 -7.76 3.09
CA VAL A 113 -2.68 -9.00 2.35
CA VAL A 113 -2.71 -9.02 2.36
C VAL A 113 -2.06 -10.17 3.14
C VAL A 113 -2.07 -10.17 3.12
N ARG A 114 -2.75 -11.31 3.19
CA ARG A 114 -2.26 -12.52 3.90
C ARG A 114 -1.23 -13.25 3.08
N CYS A 115 -0.35 -13.97 3.76
CA CYS A 115 0.57 -14.88 3.08
C CYS A 115 0.11 -16.30 3.42
N ILE A 116 -0.23 -17.05 2.38
CA ILE A 116 -0.64 -18.45 2.51
C ILE A 116 0.60 -19.31 2.85
N GLY A 117 1.73 -18.96 2.27
CA GLY A 117 2.94 -19.75 2.47
C GLY A 117 3.96 -19.40 1.44
N VAL A 118 4.95 -20.26 1.31
CA VAL A 118 6.02 -20.09 0.34
C VAL A 118 6.34 -21.41 -0.31
N SER A 119 7.00 -21.36 -1.45
CA SER A 119 7.63 -22.54 -2.02
C SER A 119 9.05 -22.13 -2.41
N LEU A 120 9.96 -22.22 -1.45
CA LEU A 120 11.33 -21.76 -1.63
C LEU A 120 12.29 -22.90 -1.92
N GLN A 121 11.81 -24.14 -1.85
CA GLN A 121 12.65 -25.34 -2.02
C GLN A 121 12.58 -25.94 -3.44
N SER A 122 11.86 -25.24 -4.32
CA SER A 122 11.80 -25.57 -5.72
C SER A 122 12.03 -24.30 -6.54
N LEU A 123 12.44 -24.46 -7.79
CA LEU A 123 12.80 -23.34 -8.65
C LEU A 123 11.85 -23.26 -9.86
N PRO A 124 11.39 -22.06 -10.23
CA PRO A 124 11.61 -20.77 -9.54
C PRO A 124 10.92 -20.70 -8.20
N ARG A 125 11.47 -19.90 -7.30
CA ARG A 125 10.89 -19.75 -5.96
C ARG A 125 9.59 -18.94 -5.98
N PHE A 126 8.64 -19.35 -5.12
CA PHE A 126 7.35 -18.69 -5.01
C PHE A 126 7.07 -18.16 -3.60
N ILE A 127 6.34 -17.05 -3.55
CA ILE A 127 5.62 -16.62 -2.36
C ILE A 127 4.11 -16.61 -2.71
N LEU A 128 3.29 -17.18 -1.83
CA LEU A 128 1.87 -17.42 -2.09
C LEU A 128 1.05 -16.49 -1.22
N LEU A 129 0.23 -15.67 -1.85
CA LEU A 129 -0.46 -14.57 -1.20
C LEU A 129 -1.95 -14.63 -1.47
N GLU A 130 -2.68 -13.94 -0.60
CA GLU A 130 -4.12 -13.70 -0.75
C GLU A 130 -4.40 -13.13 -2.15
N LEU A 131 -5.30 -13.78 -2.90
CA LEU A 131 -5.68 -13.28 -4.23
C LEU A 131 -6.59 -12.06 -4.04
N MET A 132 -6.24 -10.96 -4.72
CA MET A 132 -6.94 -9.68 -4.56
C MET A 132 -7.54 -9.31 -5.92
N ALA A 133 -8.71 -9.88 -6.18
CA ALA A 133 -9.28 -9.91 -7.55
C ALA A 133 -9.68 -8.52 -8.10
N GLY A 134 -9.77 -7.52 -7.22
CA GLY A 134 -10.02 -6.12 -7.59
C GLY A 134 -8.79 -5.42 -8.17
N GLY A 135 -7.62 -6.04 -8.03
CA GLY A 135 -6.38 -5.49 -8.54
C GLY A 135 -5.86 -4.34 -7.72
N ASP A 136 -4.94 -3.57 -8.27
CA ASP A 136 -4.39 -2.45 -7.53
C ASP A 136 -5.34 -1.26 -7.56
N LEU A 137 -5.28 -0.48 -6.49
CA LEU A 137 -6.21 0.61 -6.24
C LEU A 137 -6.13 1.71 -7.28
N LYS A 138 -4.91 2.05 -7.72
CA LYS A 138 -4.75 3.12 -8.69
C LYS A 138 -5.44 2.75 -9.99
N SER A 139 -5.18 1.54 -10.50
CA SER A 139 -5.79 1.08 -11.72
C SER A 139 -7.29 0.97 -11.58
N PHE A 140 -7.76 0.51 -10.42
CA PHE A 140 -9.19 0.43 -10.17
C PHE A 140 -9.87 1.82 -10.26
N LEU A 141 -9.26 2.80 -9.63
CA LEU A 141 -9.83 4.17 -9.64
C LEU A 141 -9.93 4.71 -11.05
N ARG A 142 -8.87 4.54 -11.83
CA ARG A 142 -8.86 4.96 -13.23
C ARG A 142 -9.92 4.26 -14.07
N GLU A 143 -10.05 2.95 -13.90
CA GLU A 143 -10.96 2.17 -14.74
C GLU A 143 -12.42 2.34 -14.35
N THR A 144 -12.68 2.71 -13.09
CA THR A 144 -14.03 2.76 -12.56
C THR A 144 -14.56 4.18 -12.32
N ARG A 145 -13.83 5.19 -12.80
CA ARG A 145 -14.27 6.58 -12.80
C ARG A 145 -15.65 6.71 -13.43
N PRO A 146 -16.55 7.47 -12.79
CA PRO A 146 -17.81 7.76 -13.46
C PRO A 146 -17.60 8.34 -14.86
N ARG A 147 -18.34 7.79 -15.82
CA ARG A 147 -18.30 8.23 -17.23
C ARG A 147 -19.73 8.26 -17.74
N PRO A 148 -20.00 8.93 -18.86
CA PRO A 148 -21.39 8.94 -19.31
C PRO A 148 -22.03 7.54 -19.45
N SER A 149 -21.23 6.53 -19.80
CA SER A 149 -21.72 5.13 -19.91
C SER A 149 -21.81 4.38 -18.57
N GLN A 150 -21.16 4.90 -17.54
CA GLN A 150 -21.22 4.31 -16.20
C GLN A 150 -21.28 5.46 -15.16
N PRO A 151 -22.35 6.27 -15.23
CA PRO A 151 -22.43 7.51 -14.42
C PRO A 151 -22.41 7.30 -12.90
N SER A 152 -22.73 6.08 -12.45
CA SER A 152 -22.88 5.74 -11.05
C SER A 152 -21.94 4.58 -10.66
N SER A 153 -20.80 4.49 -11.34
CA SER A 153 -19.82 3.44 -11.06
C SER A 153 -19.23 3.50 -9.64
N LEU A 154 -19.03 4.71 -9.15
CA LEU A 154 -18.48 4.93 -7.82
C LEU A 154 -19.22 6.07 -7.14
N ALA A 155 -19.26 6.04 -5.82
CA ALA A 155 -19.84 7.10 -5.02
C ALA A 155 -18.84 7.51 -3.95
N MET A 156 -19.06 8.67 -3.34
CA MET A 156 -18.21 9.12 -2.25
C MET A 156 -18.00 8.08 -1.18
N LEU A 157 -19.07 7.38 -0.78
N LEU A 157 -19.06 7.37 -0.79
CA LEU A 157 -18.96 6.38 0.26
CA LEU A 157 -18.93 6.40 0.28
C LEU A 157 -17.96 5.28 -0.09
C LEU A 157 -17.97 5.26 -0.09
N ASP A 158 -17.92 4.85 -1.36
CA ASP A 158 -16.95 3.83 -1.82
C ASP A 158 -15.52 4.31 -1.54
N LEU A 159 -15.26 5.58 -1.79
CA LEU A 159 -13.93 6.17 -1.59
C LEU A 159 -13.57 6.27 -0.11
N LEU A 160 -14.55 6.67 0.71
CA LEU A 160 -14.33 6.75 2.16
C LEU A 160 -14.08 5.37 2.77
N HIS A 161 -14.74 4.35 2.24
CA HIS A 161 -14.53 2.99 2.75
C HIS A 161 -13.13 2.49 2.41
N VAL A 162 -12.65 2.79 1.21
CA VAL A 162 -11.25 2.48 0.83
C VAL A 162 -10.26 3.18 1.76
N ALA A 163 -10.47 4.48 2.00
CA ALA A 163 -9.63 5.29 2.88
C ALA A 163 -9.59 4.73 4.32
N ARG A 164 -10.76 4.36 4.84
CA ARG A 164 -10.89 3.75 6.16
C ARG A 164 -10.11 2.45 6.24
N ASP A 165 -10.30 1.60 5.23
CA ASP A 165 -9.64 0.28 5.18
C ASP A 165 -8.11 0.44 5.24
N ILE A 166 -7.57 1.37 4.44
CA ILE A 166 -6.11 1.56 4.41
C ILE A 166 -5.64 2.23 5.70
N ALA A 167 -6.40 3.19 6.21
CA ALA A 167 -6.10 3.80 7.52
C ALA A 167 -6.06 2.77 8.66
N CYS A 168 -6.96 1.80 8.63
N CYS A 168 -6.97 1.80 8.65
CA CYS A 168 -6.95 0.71 9.61
CA CYS A 168 -6.93 0.71 9.62
C CYS A 168 -5.67 -0.13 9.55
C CYS A 168 -5.65 -0.11 9.56
N GLY A 169 -5.23 -0.47 8.34
CA GLY A 169 -3.94 -1.16 8.14
C GLY A 169 -2.76 -0.33 8.62
N CYS A 170 -2.76 0.96 8.28
CA CYS A 170 -1.69 1.86 8.71
C CYS A 170 -1.66 2.00 10.24
N GLN A 171 -2.83 2.03 10.88
CA GLN A 171 -2.89 2.09 12.33
C GLN A 171 -2.27 0.86 12.95
N TYR A 172 -2.53 -0.31 12.35
CA TYR A 172 -1.89 -1.57 12.81
C TYR A 172 -0.37 -1.50 12.72
N LEU A 173 0.13 -1.01 11.59
CA LEU A 173 1.56 -0.82 11.41
C LEU A 173 2.13 0.16 12.47
N GLU A 174 1.48 1.30 12.65
CA GLU A 174 1.88 2.29 13.64
C GLU A 174 1.93 1.72 15.06
N GLU A 175 0.87 1.02 15.48
CA GLU A 175 0.82 0.42 16.80
C GLU A 175 1.92 -0.63 17.01
N ASN A 176 2.40 -1.21 15.91
CA ASN A 176 3.49 -2.21 15.94
C ASN A 176 4.85 -1.65 15.55
N HIS A 177 4.92 -0.32 15.52
CA HIS A 177 6.19 0.39 15.32
C HIS A 177 6.86 0.07 13.98
N PHE A 178 6.04 -0.18 12.96
CA PHE A 178 6.53 -0.51 11.63
C PHE A 178 6.25 0.69 10.72
N ILE A 179 7.30 1.23 10.10
CA ILE A 179 7.17 2.34 9.21
C ILE A 179 7.17 1.82 7.78
N HIS A 180 6.08 2.08 7.09
CA HIS A 180 5.87 1.52 5.76
C HIS A 180 6.79 2.18 4.72
N ARG A 181 6.85 3.52 4.72
CA ARG A 181 7.75 4.30 3.84
C ARG A 181 7.27 4.47 2.40
N ASP A 182 6.18 3.83 2.01
CA ASP A 182 5.73 3.89 0.60
C ASP A 182 4.20 3.68 0.51
N ILE A 183 3.44 4.37 1.36
CA ILE A 183 1.98 4.33 1.26
C ILE A 183 1.61 5.14 0.00
N ALA A 184 0.92 4.49 -0.94
CA ALA A 184 0.55 5.09 -2.25
C ALA A 184 -0.52 4.20 -2.84
N ALA A 185 -1.38 4.76 -3.69
CA ALA A 185 -2.47 3.95 -4.29
C ALA A 185 -1.97 2.73 -5.07
N ARG A 186 -0.82 2.85 -5.78
CA ARG A 186 -0.25 1.74 -6.52
C ARG A 186 0.10 0.52 -5.62
N ASN A 187 0.25 0.76 -4.32
CA ASN A 187 0.65 -0.28 -3.34
C ASN A 187 -0.50 -0.84 -2.54
N CYS A 188 -1.73 -0.42 -2.87
CA CYS A 188 -2.97 -0.91 -2.23
C CYS A 188 -3.69 -1.82 -3.21
N LEU A 189 -4.36 -2.82 -2.63
CA LEU A 189 -5.04 -3.83 -3.40
C LEU A 189 -6.49 -3.94 -2.93
N LEU A 190 -7.34 -4.45 -3.83
CA LEU A 190 -8.76 -4.66 -3.56
C LEU A 190 -9.17 -6.11 -3.67
N THR A 191 -10.01 -6.57 -2.73
CA THR A 191 -10.45 -7.97 -2.75
C THR A 191 -11.32 -8.35 -3.92
N CYS A 192 -12.08 -7.38 -4.43
CA CYS A 192 -12.94 -7.61 -5.58
C CYS A 192 -13.28 -6.27 -6.24
N PRO A 193 -13.74 -6.29 -7.50
CA PRO A 193 -14.13 -5.03 -8.16
C PRO A 193 -15.42 -4.41 -7.60
N GLY A 194 -16.38 -5.26 -7.26
CA GLY A 194 -17.73 -4.81 -6.96
C GLY A 194 -17.95 -4.39 -5.53
N PRO A 195 -19.23 -4.13 -5.18
CA PRO A 195 -19.65 -3.78 -3.83
C PRO A 195 -19.12 -4.79 -2.81
N GLY A 196 -18.73 -4.30 -1.65
CA GLY A 196 -18.20 -5.16 -0.58
C GLY A 196 -16.69 -5.31 -0.64
N ARG A 197 -16.05 -4.71 -1.64
CA ARG A 197 -14.57 -4.72 -1.74
C ARG A 197 -13.91 -4.21 -0.45
N VAL A 198 -12.79 -4.81 -0.10
CA VAL A 198 -11.97 -4.38 1.00
C VAL A 198 -10.64 -4.00 0.42
N ALA A 199 -10.12 -2.84 0.80
CA ALA A 199 -8.79 -2.42 0.43
C ALA A 199 -7.77 -2.89 1.50
N LYS A 200 -6.59 -3.26 1.01
CA LYS A 200 -5.50 -3.76 1.85
C LYS A 200 -4.17 -3.22 1.36
N ILE A 201 -3.23 -3.07 2.29
CA ILE A 201 -1.85 -2.74 1.91
C ILE A 201 -1.22 -4.01 1.31
N GLY A 202 -0.59 -3.87 0.14
CA GLY A 202 -0.17 -5.02 -0.63
C GLY A 202 1.19 -4.94 -1.25
N ASP A 203 2.07 -4.11 -0.68
CA ASP A 203 3.46 -4.10 -1.09
C ASP A 203 4.26 -3.50 0.06
N PHE A 204 5.42 -4.11 0.30
CA PHE A 204 6.34 -3.72 1.38
C PHE A 204 7.80 -3.63 0.91
N GLY A 205 7.97 -3.35 -0.39
CA GLY A 205 9.29 -3.41 -1.01
C GLY A 205 10.25 -2.35 -0.45
N MET A 206 9.76 -1.13 -0.27
CA MET A 206 10.61 -0.06 0.30
C MET A 206 11.04 -0.36 1.73
N ALA A 207 10.10 -0.79 2.56
CA ALA A 207 10.42 -1.21 3.93
C ALA A 207 11.44 -2.35 3.95
N ARG A 208 11.27 -3.31 3.05
CA ARG A 208 12.20 -4.41 2.90
C ARG A 208 13.61 -3.94 2.54
N ASP A 209 13.71 -2.98 1.61
CA ASP A 209 15.01 -2.46 1.17
C ASP A 209 15.74 -1.76 2.30
N ILE A 210 14.98 -1.04 3.11
CA ILE A 210 15.51 -0.27 4.24
C ILE A 210 15.93 -1.20 5.35
N TYR A 211 15.08 -2.18 5.65
CA TYR A 211 15.44 -3.25 6.58
C TYR A 211 16.79 -3.91 6.22
N ARG A 212 17.05 -4.11 4.93
CA ARG A 212 18.29 -4.76 4.48
C ARG A 212 19.48 -3.79 4.35
N ALA A 213 19.21 -2.52 4.08
CA ALA A 213 20.26 -1.50 3.93
C ALA A 213 20.77 -1.09 5.30
N CYS A 221 17.93 9.84 -5.45
CA CYS A 221 17.73 8.65 -6.28
C CYS A 221 16.46 8.79 -7.12
N ALA A 222 16.59 8.46 -8.40
CA ALA A 222 15.51 8.64 -9.38
C ALA A 222 14.30 7.77 -9.09
N MET A 223 14.48 6.73 -8.26
CA MET A 223 13.40 5.81 -7.94
C MET A 223 12.61 6.10 -6.67
N LEU A 224 13.04 7.08 -5.87
CA LEU A 224 12.35 7.43 -4.63
C LEU A 224 10.95 7.98 -4.91
N PRO A 225 9.98 7.66 -4.04
CA PRO A 225 8.61 8.14 -4.21
C PRO A 225 8.47 9.54 -3.63
N VAL A 226 9.20 10.47 -4.25
CA VAL A 226 9.30 11.86 -3.75
C VAL A 226 7.94 12.48 -3.49
N LYS A 227 6.99 12.21 -4.40
CA LYS A 227 5.68 12.86 -4.32
C LYS A 227 4.84 12.40 -3.12
N TRP A 228 5.29 11.35 -2.44
CA TRP A 228 4.63 10.84 -1.24
C TRP A 228 5.37 11.13 0.05
N MET A 229 6.50 11.82 -0.03
CA MET A 229 7.40 11.98 1.10
C MET A 229 7.31 13.40 1.74
N PRO A 230 7.33 13.45 3.08
CA PRO A 230 7.30 14.73 3.79
C PRO A 230 8.62 15.49 3.68
N PRO A 231 8.59 16.82 3.90
CA PRO A 231 9.76 17.67 3.76
C PRO A 231 10.97 17.14 4.52
N GLU A 232 10.73 16.62 5.73
CA GLU A 232 11.82 16.21 6.60
C GLU A 232 12.56 14.96 6.13
N ALA A 233 11.94 14.19 5.24
CA ALA A 233 12.61 13.07 4.54
C ALA A 233 13.84 13.54 3.77
N PHE A 234 13.78 14.78 3.25
CA PHE A 234 14.82 15.35 2.42
C PHE A 234 15.82 16.17 3.23
N MET A 235 15.44 16.57 4.44
CA MET A 235 16.36 17.25 5.33
C MET A 235 17.23 16.21 6.04
N GLU A 236 16.79 15.72 7.21
CA GLU A 236 17.58 14.80 8.00
C GLU A 236 17.40 13.32 7.62
N GLY A 237 16.46 13.02 6.73
CA GLY A 237 16.24 11.64 6.32
C GLY A 237 15.70 10.76 7.45
N ILE A 238 15.00 11.39 8.40
CA ILE A 238 14.49 10.68 9.59
C ILE A 238 13.05 10.23 9.36
N PHE A 239 12.81 8.94 9.51
CA PHE A 239 11.49 8.40 9.29
C PHE A 239 10.84 8.00 10.61
N THR A 240 9.52 8.23 10.67
CA THR A 240 8.69 7.94 11.84
C THR A 240 7.32 7.59 11.28
N SER A 241 6.35 7.30 12.14
CA SER A 241 5.00 7.05 11.64
C SER A 241 4.33 8.32 11.07
N LYS A 242 4.81 9.49 11.51
N LYS A 242 4.79 9.50 11.49
CA LYS A 242 4.35 10.77 10.96
CA LYS A 242 4.30 10.74 10.93
C LYS A 242 4.75 10.94 9.49
C LYS A 242 4.75 10.95 9.48
N THR A 243 5.78 10.22 9.04
CA THR A 243 6.13 10.22 7.63
C THR A 243 5.04 9.42 6.85
N ASP A 244 4.56 8.32 7.44
CA ASP A 244 3.44 7.56 6.87
C ASP A 244 2.14 8.38 6.90
N THR A 245 1.94 9.21 7.92
CA THR A 245 0.77 10.12 7.93
C THR A 245 0.78 11.03 6.72
N TRP A 246 1.95 11.60 6.40
CA TRP A 246 2.06 12.50 5.24
C TRP A 246 1.69 11.73 3.97
N SER A 247 2.31 10.55 3.81
CA SER A 247 2.04 9.72 2.64
C SER A 247 0.55 9.35 2.52
N PHE A 248 -0.08 9.07 3.65
CA PHE A 248 -1.52 8.77 3.67
C PHE A 248 -2.33 9.97 3.17
N GLY A 249 -1.94 11.20 3.54
CA GLY A 249 -2.57 12.37 2.98
C GLY A 249 -2.53 12.38 1.46
N VAL A 250 -1.38 12.04 0.89
CA VAL A 250 -1.21 11.96 -0.57
C VAL A 250 -2.08 10.82 -1.15
N LEU A 251 -2.08 9.65 -0.51
CA LEU A 251 -3.02 8.58 -0.87
C LEU A 251 -4.47 9.07 -0.89
N LEU A 252 -4.88 9.85 0.11
CA LEU A 252 -6.26 10.36 0.16
C LEU A 252 -6.52 11.26 -1.06
N TRP A 253 -5.54 12.08 -1.41
CA TRP A 253 -5.66 12.89 -2.62
C TRP A 253 -5.81 12.00 -3.86
N GLU A 254 -5.02 10.93 -3.95
CA GLU A 254 -5.12 10.00 -5.05
C GLU A 254 -6.51 9.35 -5.11
N ILE A 255 -7.04 8.98 -3.96
CA ILE A 255 -8.36 8.36 -3.91
C ILE A 255 -9.46 9.32 -4.39
N PHE A 256 -9.50 10.52 -3.82
CA PHE A 256 -10.56 11.47 -4.13
C PHE A 256 -10.40 12.16 -5.47
N SER A 257 -9.20 12.10 -6.05
CA SER A 257 -9.01 12.51 -7.45
C SER A 257 -9.36 11.41 -8.45
N LEU A 258 -9.73 10.23 -7.96
CA LEU A 258 -9.97 9.05 -8.81
C LEU A 258 -8.76 8.61 -9.64
N GLY A 259 -7.60 8.62 -9.00
CA GLY A 259 -6.46 7.92 -9.54
C GLY A 259 -5.55 8.81 -10.33
N TYR A 260 -5.66 10.13 -10.17
CA TYR A 260 -4.68 11.06 -10.76
C TYR A 260 -3.29 10.95 -10.09
N MET A 261 -2.26 11.32 -10.85
CA MET A 261 -0.91 11.45 -10.32
C MET A 261 -0.86 12.74 -9.48
N PRO A 262 -0.37 12.65 -8.24
CA PRO A 262 -0.17 13.85 -7.40
C PRO A 262 0.74 14.89 -8.05
N TYR A 263 0.54 16.17 -7.71
CA TYR A 263 1.33 17.26 -8.27
C TYR A 263 1.42 17.16 -9.80
N PRO A 264 0.26 17.11 -10.48
CA PRO A 264 0.27 17.01 -11.93
C PRO A 264 1.15 18.09 -12.55
N SER A 265 2.03 17.69 -13.47
CA SER A 265 2.87 18.64 -14.20
C SER A 265 4.09 19.15 -13.40
N LYS A 266 4.33 18.62 -12.20
CA LYS A 266 5.59 18.92 -11.51
C LYS A 266 6.47 17.67 -11.50
N SER A 267 7.76 17.87 -11.71
CA SER A 267 8.76 16.84 -11.52
C SER A 267 9.01 16.58 -10.04
N ASN A 268 9.78 15.54 -9.75
CA ASN A 268 10.17 15.23 -8.38
C ASN A 268 10.87 16.42 -7.68
N GLN A 269 11.86 17.00 -8.31
CA GLN A 269 12.62 18.12 -7.70
C GLN A 269 11.74 19.36 -7.51
N GLU A 270 10.86 19.62 -8.48
CA GLU A 270 9.86 20.68 -8.37
C GLU A 270 8.96 20.45 -7.18
N VAL A 271 8.50 19.22 -6.97
CA VAL A 271 7.65 18.89 -5.83
C VAL A 271 8.43 19.06 -4.52
N LEU A 272 9.66 18.56 -4.48
CA LEU A 272 10.51 18.71 -3.29
C LEU A 272 10.62 20.18 -2.88
N GLU A 273 10.92 21.05 -3.83
CA GLU A 273 11.09 22.48 -3.57
C GLU A 273 9.75 23.13 -3.18
N PHE A 274 8.69 22.71 -3.85
CA PHE A 274 7.32 23.16 -3.59
C PHE A 274 6.88 22.84 -2.15
N VAL A 275 6.90 21.56 -1.79
CA VAL A 275 6.41 21.13 -0.49
C VAL A 275 7.29 21.71 0.64
N THR A 276 8.61 21.72 0.43
N THR A 276 8.61 21.78 0.42
CA THR A 276 9.54 22.29 1.41
CA THR A 276 9.52 22.30 1.45
C THR A 276 9.12 23.73 1.71
C THR A 276 9.48 23.82 1.58
N SER A 277 8.81 24.50 0.65
CA SER A 277 8.50 25.91 0.78
C SER A 277 7.08 26.19 1.34
N GLY A 278 6.32 25.15 1.65
CA GLY A 278 4.95 25.24 2.19
C GLY A 278 3.85 24.98 1.17
N GLY A 279 4.24 24.65 -0.06
CA GLY A 279 3.27 24.35 -1.11
C GLY A 279 2.54 23.06 -0.84
N ARG A 280 1.22 23.07 -1.08
CA ARG A 280 0.37 21.89 -1.01
C ARG A 280 -0.58 21.77 -2.18
N MET A 281 -1.01 20.55 -2.48
CA MET A 281 -1.97 20.32 -3.55
C MET A 281 -3.32 20.97 -3.27
N ASP A 282 -3.97 21.46 -4.33
CA ASP A 282 -5.35 21.91 -4.26
C ASP A 282 -6.27 20.70 -3.99
N PRO A 283 -7.53 20.95 -3.59
CA PRO A 283 -8.45 19.82 -3.42
C PRO A 283 -8.69 19.15 -4.78
N PRO A 284 -8.89 17.81 -4.79
CA PRO A 284 -9.38 17.15 -5.99
C PRO A 284 -10.73 17.68 -6.42
N LYS A 285 -11.07 17.49 -7.69
CA LYS A 285 -12.31 18.01 -8.24
C LYS A 285 -13.50 17.46 -7.43
N ASN A 286 -14.35 18.37 -6.97
CA ASN A 286 -15.54 18.08 -6.16
C ASN A 286 -15.26 17.51 -4.77
N CYS A 287 -14.02 17.58 -4.29
CA CYS A 287 -13.69 17.02 -2.99
C CYS A 287 -14.42 17.78 -1.88
N PRO A 288 -15.16 17.06 -1.02
CA PRO A 288 -15.76 17.76 0.10
C PRO A 288 -14.72 18.39 1.04
N GLY A 289 -15.08 19.55 1.56
CA GLY A 289 -14.20 20.31 2.46
C GLY A 289 -13.66 19.48 3.61
N PRO A 290 -14.52 18.71 4.30
CA PRO A 290 -14.04 17.92 5.43
C PRO A 290 -13.01 16.86 5.07
N VAL A 291 -13.10 16.29 3.88
CA VAL A 291 -12.11 15.32 3.42
C VAL A 291 -10.79 16.02 3.10
N TYR A 292 -10.87 17.15 2.40
CA TYR A 292 -9.68 17.92 2.07
C TYR A 292 -8.97 18.35 3.36
N ARG A 293 -9.73 18.71 4.39
CA ARG A 293 -9.12 19.09 5.67
C ARG A 293 -8.32 17.96 6.34
N ILE A 294 -8.70 16.70 6.10
CA ILE A 294 -7.91 15.57 6.61
C ILE A 294 -6.56 15.56 5.88
N MET A 295 -6.58 15.78 4.57
CA MET A 295 -5.35 15.84 3.78
C MET A 295 -4.43 16.91 4.32
N THR A 296 -4.98 18.11 4.50
CA THR A 296 -4.18 19.25 4.91
C THR A 296 -3.58 19.06 6.31
N GLN A 297 -4.27 18.38 7.23
CA GLN A 297 -3.69 18.03 8.54
C GLN A 297 -2.57 16.98 8.42
N CYS A 298 -2.73 16.01 7.53
CA CYS A 298 -1.68 15.03 7.26
C CYS A 298 -0.41 15.70 6.72
N TRP A 299 -0.57 16.82 6.01
CA TRP A 299 0.55 17.56 5.40
C TRP A 299 1.07 18.74 6.21
N GLN A 300 0.81 18.76 7.52
CA GLN A 300 1.38 19.80 8.38
C GLN A 300 2.91 19.71 8.28
N HIS A 301 3.56 20.87 8.18
CA HIS A 301 5.01 20.83 8.06
C HIS A 301 5.70 20.13 9.24
N GLN A 302 5.28 20.44 10.46
CA GLN A 302 5.87 19.82 11.63
C GLN A 302 5.22 18.46 11.87
N PRO A 303 6.03 17.39 11.98
CA PRO A 303 5.48 16.04 12.15
C PRO A 303 4.53 15.94 13.34
N GLU A 304 4.88 16.65 14.41
CA GLU A 304 4.12 16.60 15.66
C GLU A 304 2.73 17.21 15.48
N ASP A 305 2.56 18.04 14.46
CA ASP A 305 1.25 18.65 14.18
C ASP A 305 0.36 17.73 13.33
N ARG A 306 0.90 16.64 12.79
CA ARG A 306 0.09 15.72 11.97
C ARG A 306 -0.61 14.75 12.89
N PRO A 307 -1.81 14.29 12.49
CA PRO A 307 -2.57 13.34 13.27
C PRO A 307 -1.97 11.94 13.20
N ASN A 308 -2.10 11.18 14.27
CA ASN A 308 -1.80 9.76 14.22
C ASN A 308 -2.95 9.03 13.53
N PHE A 309 -2.78 7.74 13.28
CA PHE A 309 -3.81 7.02 12.50
C PHE A 309 -5.14 6.80 13.21
N ALA A 310 -5.14 6.72 14.54
CA ALA A 310 -6.39 6.63 15.31
C ALA A 310 -7.23 7.90 15.09
N ILE A 311 -6.58 9.06 15.12
CA ILE A 311 -7.24 10.32 14.80
C ILE A 311 -7.71 10.39 13.34
N ILE A 312 -6.86 9.98 12.40
CA ILE A 312 -7.24 9.92 10.99
C ILE A 312 -8.51 9.07 10.81
N LEU A 313 -8.52 7.88 11.42
CA LEU A 313 -9.72 7.02 11.35
C LEU A 313 -10.97 7.68 11.90
N GLU A 314 -10.85 8.35 13.04
CA GLU A 314 -11.99 9.07 13.63
C GLU A 314 -12.55 10.12 12.66
N ARG A 315 -11.66 10.88 12.03
N ARG A 315 -11.66 10.87 12.02
CA ARG A 315 -12.05 11.91 11.08
CA ARG A 315 -12.05 11.92 11.08
C ARG A 315 -12.71 11.29 9.84
C ARG A 315 -12.65 11.35 9.79
N ILE A 316 -12.15 10.21 9.33
CA ILE A 316 -12.74 9.52 8.17
C ILE A 316 -14.14 9.01 8.55
N GLU A 317 -14.24 8.41 9.73
CA GLU A 317 -15.54 7.91 10.23
C GLU A 317 -16.59 9.06 10.37
N TYR A 318 -16.19 10.26 10.81
CA TYR A 318 -17.12 11.39 10.92
C TYR A 318 -17.60 11.84 9.53
N CYS A 319 -16.66 11.91 8.57
CA CYS A 319 -16.98 12.24 7.17
C CYS A 319 -17.99 11.28 6.58
N THR A 320 -17.85 10.01 6.92
CA THR A 320 -18.73 8.96 6.43
C THR A 320 -20.14 9.12 6.99
N GLN A 321 -20.27 9.73 8.16
CA GLN A 321 -21.56 9.99 8.77
C GLN A 321 -22.26 11.26 8.28
N ASP A 322 -21.53 12.17 7.64
CA ASP A 322 -22.02 13.50 7.31
C ASP A 322 -22.75 13.43 5.97
N PRO A 323 -24.09 13.60 5.97
CA PRO A 323 -24.85 13.50 4.69
C PRO A 323 -24.33 14.39 3.55
N ASP A 324 -23.90 15.61 3.89
CA ASP A 324 -23.41 16.54 2.88
C ASP A 324 -22.08 16.09 2.24
N VAL A 325 -21.27 15.32 2.95
CA VAL A 325 -20.09 14.71 2.32
C VAL A 325 -20.51 13.57 1.38
N ILE A 326 -21.25 12.62 1.91
CA ILE A 326 -21.55 11.40 1.19
C ILE A 326 -22.58 11.59 0.09
N ASN A 327 -23.31 12.70 0.11
CA ASN A 327 -24.26 12.98 -0.98
C ASN A 327 -23.62 13.83 -2.11
N THR A 328 -22.34 14.15 -1.95
CA THR A 328 -21.58 14.89 -2.96
C THR A 328 -21.33 14.00 -4.18
N ALA A 329 -21.75 14.46 -5.35
CA ALA A 329 -21.53 13.71 -6.58
C ALA A 329 -20.08 13.79 -7.05
N LEU A 330 -19.54 12.67 -7.49
CA LEU A 330 -18.23 12.62 -8.08
C LEU A 330 -18.33 13.20 -9.51
N PRO A 331 -17.25 13.82 -10.00
CA PRO A 331 -17.25 14.38 -11.34
C PRO A 331 -17.34 13.30 -12.41
N ILE A 332 -18.03 13.58 -13.51
CA ILE A 332 -18.02 12.66 -14.65
C ILE A 332 -16.81 12.96 -15.53
N GLU A 333 -16.11 11.90 -15.97
CA GLU A 333 -15.04 12.03 -16.93
C GLU A 333 -15.66 11.89 -18.31
N TYR A 334 -15.77 13.01 -19.02
CA TYR A 334 -16.46 13.02 -20.29
C TYR A 334 -15.60 12.36 -21.36
#